data_3AVL
#
_entry.id   3AVL
#
_cell.length_a   70.484
_cell.length_b   70.484
_cell.length_c   66.865
_cell.angle_alpha   90.000
_cell.angle_beta   90.000
_cell.angle_gamma   120.000
#
_symmetry.space_group_name_H-M   'P 31'
#
loop_
_entity.id
_entity.type
_entity.pdbx_description
1 polymer Integrase
2 polymer 'LEDGF peptide'
3 non-polymer 'SULFATE ION'
4 non-polymer 'CHLORIDE ION'
5 non-polymer 'ACETIC ACID'
6 water water
#
loop_
_entity_poly.entity_id
_entity_poly.type
_entity_poly.pdbx_seq_one_letter_code
_entity_poly.pdbx_strand_id
1 'polypeptide(L)'
;MGSSHHHHHHSSGLVPRGSHMHGQVDSSPGIWQLDCTHLEGKVILVAVHVASGYIEAEVIPAETGQETAYFLLKLAGRWP
VKTVHTDNGSNFTSTTVKAACWWAGIKQEDGIPYNPQSQGVIESMNKELKKIIGQVRDQAEHLKTAVQMAVFIHNHKRKG
GIGGYSAGERIVDIIATDIQTKE
;
A,B
2 'polypeptide(L)' ATKIDNLD F,E
#
loop_
_chem_comp.id
_chem_comp.type
_chem_comp.name
_chem_comp.formula
ACY non-polymer 'ACETIC ACID' 'C2 H4 O2'
CL non-polymer 'CHLORIDE ION' 'Cl -1'
SO4 non-polymer 'SULFATE ION' 'O4 S -2'
#
# COMPACT_ATOMS: atom_id res chain seq x y z
N SER A 28 -20.86 2.45 2.27
CA SER A 28 -20.11 1.43 1.44
C SER A 28 -18.83 1.86 0.65
N PRO A 29 -18.63 3.16 0.37
CA PRO A 29 -17.25 3.41 -0.08
C PRO A 29 -16.10 3.13 0.93
N GLY A 30 -16.41 3.16 2.22
CA GLY A 30 -15.33 2.99 3.23
C GLY A 30 -15.35 1.57 3.86
N ILE A 31 -16.06 0.59 3.27
N ILE A 31 -16.01 0.59 3.25
CA ILE A 31 -16.19 -0.73 3.91
CA ILE A 31 -16.13 -0.69 3.94
C ILE A 31 -15.15 -1.72 3.36
C ILE A 31 -15.19 -1.75 3.37
N TRP A 32 -14.37 -2.33 4.25
CA TRP A 32 -13.43 -3.31 3.87
C TRP A 32 -13.60 -4.60 4.74
N GLN A 33 -13.10 -5.71 4.20
CA GLN A 33 -13.20 -7.05 4.82
CA GLN A 33 -13.20 -7.06 4.81
C GLN A 33 -11.82 -7.65 4.82
N LEU A 34 -11.41 -8.11 5.97
CA LEU A 34 -10.15 -8.81 6.02
C LEU A 34 -10.35 -10.24 5.70
N ASP A 35 -9.26 -10.89 5.29
CA ASP A 35 -9.37 -12.29 4.79
C ASP A 35 -8.00 -12.89 4.96
N CYS A 36 -7.91 -14.12 5.42
CA CYS A 36 -6.59 -14.67 5.79
C CYS A 36 -6.59 -16.03 5.12
N THR A 37 -5.59 -16.31 4.32
CA THR A 37 -5.48 -17.59 3.61
C THR A 37 -4.04 -18.14 3.74
N HIS A 38 -3.78 -19.39 3.44
CA HIS A 38 -2.45 -19.95 3.71
C HIS A 38 -1.89 -20.51 2.42
N LEU A 39 -0.57 -20.45 2.31
CA LEU A 39 0.10 -21.04 1.14
C LEU A 39 1.54 -21.18 1.51
N GLU A 40 2.10 -22.33 1.15
CA GLU A 40 3.52 -22.64 1.42
C GLU A 40 3.89 -22.47 2.86
N GLY A 41 2.96 -22.82 3.76
CA GLY A 41 3.21 -22.74 5.21
C GLY A 41 3.28 -21.30 5.69
N LYS A 42 2.79 -20.36 4.88
CA LYS A 42 2.81 -18.96 5.35
C LYS A 42 1.39 -18.46 5.22
N VAL A 43 1.15 -17.24 5.70
CA VAL A 43 -0.15 -16.66 5.79
C VAL A 43 -0.24 -15.48 4.83
N ILE A 44 -1.30 -15.42 4.04
CA ILE A 44 -1.45 -14.26 3.16
C ILE A 44 -2.62 -13.49 3.80
N LEU A 45 -2.38 -12.24 4.19
CA LEU A 45 -3.46 -11.47 4.78
C LEU A 45 -3.93 -10.55 3.69
N VAL A 46 -5.25 -10.47 3.47
CA VAL A 46 -5.87 -9.70 2.39
C VAL A 46 -6.90 -8.75 2.99
N ALA A 47 -7.00 -7.53 2.45
CA ALA A 47 -8.08 -6.62 2.78
C ALA A 47 -8.82 -6.47 1.48
N VAL A 48 -10.13 -6.75 1.51
CA VAL A 48 -10.97 -6.47 0.30
C VAL A 48 -11.87 -5.28 0.49
N HIS A 49 -11.86 -4.38 -0.47
CA HIS A 49 -12.79 -3.33 -0.56
C HIS A 49 -14.09 -3.90 -1.12
N VAL A 50 -15.10 -4.00 -0.25
CA VAL A 50 -16.28 -4.85 -0.54
C VAL A 50 -17.03 -4.40 -1.83
N ALA A 51 -17.21 -3.10 -2.00
CA ALA A 51 -18.07 -2.64 -3.11
C ALA A 51 -17.33 -2.77 -4.45
N SER A 52 -15.99 -2.81 -4.48
CA SER A 52 -15.24 -2.86 -5.77
C SER A 52 -14.58 -4.21 -6.01
N GLY A 53 -14.28 -4.94 -4.95
CA GLY A 53 -13.43 -6.14 -5.08
C GLY A 53 -11.92 -5.81 -5.14
N TYR A 54 -11.57 -4.56 -4.99
CA TYR A 54 -10.12 -4.25 -5.05
C TYR A 54 -9.47 -4.87 -3.82
N ILE A 55 -8.22 -5.28 -3.89
CA ILE A 55 -7.54 -5.83 -2.71
C ILE A 55 -6.15 -5.26 -2.43
N GLU A 56 -5.70 -5.41 -1.16
CA GLU A 56 -4.26 -5.19 -0.83
C GLU A 56 -3.93 -6.50 -0.09
N ALA A 57 -2.65 -6.91 -0.09
CA ALA A 57 -2.38 -8.17 0.60
C ALA A 57 -0.94 -8.09 1.05
N GLU A 58 -0.57 -8.94 2.06
CA GLU A 58 0.82 -9.12 2.42
CA GLU A 58 0.80 -9.07 2.44
C GLU A 58 1.02 -10.54 2.85
N VAL A 59 2.26 -10.98 2.82
CA VAL A 59 2.65 -12.29 3.35
C VAL A 59 3.30 -12.03 4.73
N ILE A 60 2.87 -12.80 5.73
CA ILE A 60 3.42 -12.72 7.14
C ILE A 60 3.66 -14.19 7.61
N PRO A 61 4.59 -14.42 8.58
CA PRO A 61 4.89 -15.81 8.99
C PRO A 61 3.67 -16.40 9.66
N ALA A 62 2.93 -15.58 10.43
CA ALA A 62 1.78 -16.07 11.21
C ALA A 62 0.81 -14.92 11.41
N GLU A 63 -0.48 -15.18 11.53
CA GLU A 63 -1.41 -14.07 11.78
C GLU A 63 -1.41 -13.77 13.26
N THR A 64 -0.97 -12.60 13.66
CA THR A 64 -0.97 -12.23 15.03
C THR A 64 -1.71 -10.90 15.08
N GLY A 65 -2.15 -10.45 16.29
CA GLY A 65 -2.84 -9.17 16.40
C GLY A 65 -1.87 -8.07 15.98
N GLN A 66 -0.62 -8.17 16.37
CA GLN A 66 0.33 -7.12 16.01
C GLN A 66 0.47 -7.00 14.43
N GLU A 67 0.61 -8.11 13.74
CA GLU A 67 0.73 -8.07 12.24
C GLU A 67 -0.52 -7.53 11.69
N THR A 68 -1.68 -8.00 12.22
CA THR A 68 -2.97 -7.49 11.66
C THR A 68 -3.11 -5.97 11.85
N ALA A 69 -2.74 -5.50 13.03
CA ALA A 69 -2.89 -4.09 13.39
C ALA A 69 -2.01 -3.24 12.47
N TYR A 70 -0.80 -3.73 12.17
CA TYR A 70 0.16 -2.95 11.33
C TYR A 70 -0.39 -2.88 9.90
N PHE A 71 -0.91 -4.02 9.44
CA PHE A 71 -1.49 -4.09 8.08
C PHE A 71 -2.67 -3.07 7.98
N LEU A 72 -3.55 -3.03 8.99
CA LEU A 72 -4.64 -2.10 8.99
C LEU A 72 -4.21 -0.60 9.03
N LEU A 73 -3.14 -0.30 9.79
CA LEU A 73 -2.58 1.05 9.89
C LEU A 73 -2.09 1.42 8.51
N LYS A 74 -1.40 0.48 7.84
CA LYS A 74 -0.98 0.74 6.43
CA LYS A 74 -0.98 0.74 6.43
C LYS A 74 -2.17 0.99 5.51
N LEU A 75 -3.18 0.11 5.56
CA LEU A 75 -4.31 0.27 4.63
C LEU A 75 -4.98 1.65 4.84
N ALA A 76 -5.23 2.01 6.11
CA ALA A 76 -5.98 3.23 6.43
C ALA A 76 -5.22 4.53 6.11
N GLY A 77 -3.87 4.48 6.04
CA GLY A 77 -3.10 5.65 5.58
C GLY A 77 -3.18 5.79 4.07
N ARG A 78 -3.63 4.71 3.36
CA ARG A 78 -3.69 4.73 1.88
C ARG A 78 -5.10 4.96 1.29
N TRP A 79 -6.15 4.40 1.90
CA TRP A 79 -7.54 4.60 1.49
C TRP A 79 -8.36 5.03 2.65
N PRO A 80 -9.53 5.66 2.39
CA PRO A 80 -10.34 6.19 3.48
C PRO A 80 -11.15 5.05 4.09
N VAL A 81 -10.57 4.32 5.03
CA VAL A 81 -11.13 3.12 5.59
C VAL A 81 -12.14 3.57 6.72
N LYS A 82 -13.44 3.39 6.52
CA LYS A 82 -14.38 3.71 7.60
C LYS A 82 -14.64 2.51 8.54
N THR A 83 -14.81 1.31 7.96
CA THR A 83 -15.15 0.13 8.76
C THR A 83 -14.35 -1.05 8.28
N VAL A 84 -13.85 -1.87 9.18
CA VAL A 84 -13.28 -3.14 8.72
CA VAL A 84 -13.22 -3.11 8.77
C VAL A 84 -14.01 -4.26 9.42
N HIS A 85 -14.46 -5.19 8.57
CA HIS A 85 -14.96 -6.49 9.07
C HIS A 85 -13.79 -7.41 9.23
N THR A 86 -13.54 -7.82 10.48
CA THR A 86 -12.36 -8.62 10.78
CA THR A 86 -12.41 -8.60 10.81
C THR A 86 -12.61 -10.03 10.27
N ASP A 87 -11.51 -10.73 10.03
CA ASP A 87 -11.56 -12.05 9.36
C ASP A 87 -11.86 -13.19 10.34
N ASN A 88 -11.69 -12.96 11.65
CA ASN A 88 -12.00 -14.04 12.66
C ASN A 88 -12.12 -13.37 14.04
N GLY A 89 -12.50 -14.17 15.01
CA GLY A 89 -12.81 -13.68 16.35
C GLY A 89 -11.56 -13.27 17.09
N SER A 90 -10.40 -13.84 16.78
CA SER A 90 -9.16 -13.53 17.56
C SER A 90 -8.78 -12.05 17.17
N ASN A 91 -8.82 -11.73 15.86
CA ASN A 91 -8.54 -10.32 15.43
C ASN A 91 -9.64 -9.40 15.87
N PHE A 92 -10.85 -9.89 15.96
CA PHE A 92 -11.89 -9.00 16.52
C PHE A 92 -11.60 -8.68 18.01
N THR A 93 -11.22 -9.72 18.76
CA THR A 93 -10.93 -9.57 20.17
C THR A 93 -9.65 -8.80 20.47
N SER A 94 -8.65 -8.98 19.63
CA SER A 94 -7.28 -8.50 19.90
C SER A 94 -7.27 -7.02 20.33
N THR A 95 -6.72 -6.74 21.49
CA THR A 95 -6.70 -5.29 21.91
C THR A 95 -5.72 -4.50 20.98
N THR A 96 -4.66 -5.16 20.49
CA THR A 96 -3.74 -4.51 19.59
C THR A 96 -4.44 -4.11 18.30
N VAL A 97 -5.21 -5.05 17.76
CA VAL A 97 -6.02 -4.69 16.60
C VAL A 97 -7.01 -3.56 16.95
N LYS A 98 -7.71 -3.61 18.09
CA LYS A 98 -8.62 -2.50 18.38
C LYS A 98 -7.84 -1.16 18.56
N ALA A 99 -6.66 -1.26 19.10
CA ALA A 99 -5.79 -0.04 19.29
C ALA A 99 -5.43 0.57 17.92
N ALA A 100 -5.07 -0.27 16.92
CA ALA A 100 -4.89 0.28 15.59
C ALA A 100 -6.12 0.87 14.97
N CYS A 101 -7.30 0.24 15.17
CA CYS A 101 -8.57 0.74 14.57
C CYS A 101 -8.88 2.11 15.27
N TRP A 102 -8.60 2.16 16.59
CA TRP A 102 -8.80 3.45 17.28
C TRP A 102 -7.84 4.47 16.66
N TRP A 103 -6.54 4.13 16.55
CA TRP A 103 -5.56 5.12 16.12
C TRP A 103 -5.97 5.65 14.75
N ALA A 104 -6.32 4.74 13.85
CA ALA A 104 -6.57 5.12 12.43
C ALA A 104 -8.01 5.57 12.17
N GLY A 105 -8.82 5.64 13.22
CA GLY A 105 -10.19 6.09 13.02
C GLY A 105 -11.12 5.05 12.33
N ILE A 106 -10.84 3.76 12.54
CA ILE A 106 -11.60 2.72 11.87
C ILE A 106 -12.61 2.12 12.85
N LYS A 107 -13.83 1.88 12.40
CA LYS A 107 -14.80 1.12 13.19
CA LYS A 107 -14.82 1.13 13.17
C LYS A 107 -14.52 -0.37 13.00
N GLN A 108 -14.16 -1.05 14.06
CA GLN A 108 -13.83 -2.46 13.90
C GLN A 108 -15.09 -3.26 14.07
N GLU A 109 -15.40 -4.19 13.15
CA GLU A 109 -16.69 -4.95 13.24
C GLU A 109 -16.38 -6.41 13.09
N ASP A 110 -17.34 -7.28 13.42
CA ASP A 110 -17.18 -8.70 13.16
C ASP A 110 -17.30 -9.00 11.65
N GLY A 111 -17.11 -10.25 11.21
CA GLY A 111 -17.22 -10.56 9.76
C GLY A 111 -18.22 -11.70 9.59
N ILE A 112 -19.19 -11.71 10.46
CA ILE A 112 -20.30 -12.72 10.37
C ILE A 112 -20.99 -12.56 9.02
N PRO A 113 -21.12 -13.65 8.25
CA PRO A 113 -21.70 -13.47 6.93
C PRO A 113 -23.23 -13.50 7.02
N TYR A 114 -23.82 -12.44 7.52
CA TYR A 114 -25.28 -12.33 7.59
C TYR A 114 -25.84 -12.51 6.19
N ASN A 115 -25.07 -12.05 5.19
CA ASN A 115 -25.40 -12.40 3.82
C ASN A 115 -24.53 -13.56 3.43
N PRO A 116 -25.16 -14.74 3.23
CA PRO A 116 -24.39 -15.96 3.06
C PRO A 116 -23.54 -15.85 1.79
N GLN A 117 -23.96 -14.99 0.82
CA GLN A 117 -23.11 -14.73 -0.40
C GLN A 117 -21.62 -14.31 -0.11
N SER A 118 -21.42 -13.55 0.98
CA SER A 118 -20.07 -13.22 1.48
C SER A 118 -19.12 -14.41 1.56
N GLN A 119 -19.54 -15.48 2.23
CA GLN A 119 -18.64 -16.62 2.38
C GLN A 119 -18.14 -17.04 1.02
N GLY A 120 -19.08 -17.18 0.06
CA GLY A 120 -18.80 -17.71 -1.26
C GLY A 120 -17.83 -16.80 -2.04
N VAL A 121 -18.06 -15.48 -1.96
CA VAL A 121 -17.24 -14.50 -2.65
C VAL A 121 -15.79 -14.54 -2.13
N ILE A 122 -15.60 -14.63 -0.81
CA ILE A 122 -14.24 -14.68 -0.29
C ILE A 122 -13.54 -15.99 -0.65
N GLU A 123 -14.28 -17.09 -0.55
N GLU A 123 -14.24 -17.13 -0.58
CA GLU A 123 -13.74 -18.39 -0.85
CA GLU A 123 -13.61 -18.40 -0.96
C GLU A 123 -13.30 -18.39 -2.35
C GLU A 123 -13.21 -18.33 -2.42
N SER A 124 -14.09 -17.76 -3.23
CA SER A 124 -13.81 -17.68 -4.65
C SER A 124 -12.66 -16.73 -4.89
N MET A 125 -12.60 -15.63 -4.15
CA MET A 125 -11.39 -14.80 -4.31
C MET A 125 -10.12 -15.55 -3.89
N ASN A 126 -10.16 -16.29 -2.77
CA ASN A 126 -8.93 -16.95 -2.35
C ASN A 126 -8.49 -17.95 -3.40
N LYS A 127 -9.48 -18.64 -3.97
CA LYS A 127 -9.11 -19.59 -5.05
C LYS A 127 -8.53 -18.90 -6.26
N GLU A 128 -9.13 -17.77 -6.67
CA GLU A 128 -8.55 -16.95 -7.77
C GLU A 128 -7.14 -16.50 -7.45
N LEU A 129 -6.93 -15.98 -6.24
N LEU A 129 -6.96 -15.98 -6.23
CA LEU A 129 -5.56 -15.49 -5.90
CA LEU A 129 -5.65 -15.47 -5.82
C LEU A 129 -4.53 -16.59 -5.93
C LEU A 129 -4.60 -16.55 -5.92
N LYS A 130 -4.93 -17.71 -5.37
CA LYS A 130 -3.98 -18.83 -5.39
C LYS A 130 -3.69 -19.33 -6.79
N LYS A 131 -4.69 -19.27 -7.64
CA LYS A 131 -4.48 -19.67 -9.03
C LYS A 131 -3.44 -18.72 -9.68
N ILE A 132 -3.59 -17.41 -9.47
CA ILE A 132 -2.69 -16.44 -10.06
C ILE A 132 -1.33 -16.62 -9.52
N ILE A 133 -1.21 -16.81 -8.19
CA ILE A 133 0.07 -17.02 -7.60
C ILE A 133 0.79 -18.22 -8.26
N GLY A 134 0.03 -19.31 -8.50
CA GLY A 134 0.61 -20.45 -9.24
C GLY A 134 1.02 -20.10 -10.66
N GLN A 135 0.26 -19.25 -11.37
CA GLN A 135 0.67 -18.82 -12.69
C GLN A 135 1.95 -17.95 -12.69
N VAL A 136 2.31 -17.30 -11.56
CA VAL A 136 3.50 -16.39 -11.60
C VAL A 136 4.58 -16.99 -10.78
N ARG A 137 4.25 -18.09 -10.09
CA ARG A 137 5.07 -18.50 -8.94
C ARG A 137 6.50 -18.72 -9.33
N ASP A 138 6.73 -19.25 -10.53
CA ASP A 138 8.10 -19.47 -10.99
C ASP A 138 8.88 -18.21 -11.55
N GLN A 139 8.21 -17.06 -11.63
CA GLN A 139 8.92 -15.78 -11.98
C GLN A 139 9.50 -15.19 -10.74
N ALA A 140 9.15 -15.70 -9.57
CA ALA A 140 9.58 -15.03 -8.28
C ALA A 140 10.33 -16.02 -7.40
N GLU A 141 11.42 -15.61 -6.77
CA GLU A 141 12.08 -16.48 -5.77
C GLU A 141 11.19 -16.51 -4.51
N HIS A 142 10.73 -15.35 -4.06
CA HIS A 142 9.97 -15.25 -2.79
C HIS A 142 8.47 -15.22 -3.02
N LEU A 143 7.74 -15.87 -2.12
CA LEU A 143 6.30 -15.80 -2.17
C LEU A 143 5.82 -14.36 -2.11
N LYS A 144 6.48 -13.47 -1.33
N LYS A 144 6.46 -13.47 -1.32
CA LYS A 144 5.96 -12.11 -1.21
CA LYS A 144 5.90 -12.13 -1.22
C LYS A 144 5.84 -11.42 -2.56
C LYS A 144 5.83 -11.41 -2.58
N THR A 145 6.82 -11.66 -3.44
CA THR A 145 6.75 -11.14 -4.82
C THR A 145 5.57 -11.68 -5.61
N ALA A 146 5.36 -13.01 -5.58
CA ALA A 146 4.30 -13.64 -6.31
C ALA A 146 2.95 -13.09 -5.82
N VAL A 147 2.83 -12.84 -4.51
CA VAL A 147 1.55 -12.33 -3.96
C VAL A 147 1.32 -10.89 -4.44
N GLN A 148 2.37 -10.08 -4.49
CA GLN A 148 2.22 -8.74 -5.03
C GLN A 148 1.91 -8.75 -6.53
N MET A 149 2.49 -9.72 -7.27
CA MET A 149 2.12 -9.82 -8.68
C MET A 149 0.67 -10.22 -8.80
N ALA A 150 0.21 -11.10 -7.87
CA ALA A 150 -1.21 -11.53 -7.91
C ALA A 150 -2.15 -10.38 -7.55
N VAL A 151 -1.78 -9.55 -6.58
CA VAL A 151 -2.59 -8.37 -6.26
C VAL A 151 -2.73 -7.47 -7.52
N PHE A 152 -1.59 -7.27 -8.20
CA PHE A 152 -1.52 -6.39 -9.35
C PHE A 152 -2.49 -6.99 -10.43
N ILE A 153 -2.38 -8.26 -10.69
CA ILE A 153 -3.20 -8.83 -11.85
C ILE A 153 -4.66 -8.76 -11.45
N HIS A 154 -4.95 -9.09 -10.18
CA HIS A 154 -6.34 -9.08 -9.68
C HIS A 154 -6.95 -7.67 -9.85
N ASN A 155 -6.21 -6.66 -9.37
CA ASN A 155 -6.74 -5.28 -9.41
C ASN A 155 -6.83 -4.64 -10.81
N HIS A 156 -6.01 -5.14 -11.74
CA HIS A 156 -6.06 -4.59 -13.13
C HIS A 156 -7.00 -5.38 -14.01
N LYS A 157 -7.47 -6.56 -13.55
CA LYS A 157 -8.34 -7.38 -14.42
C LYS A 157 -9.67 -6.72 -14.78
N ARG A 158 -9.97 -6.61 -16.08
CA ARG A 158 -11.28 -6.06 -16.44
C ARG A 158 -12.30 -7.17 -16.47
N LYS A 159 -13.44 -6.97 -15.83
CA LYS A 159 -14.47 -8.04 -15.81
C LYS A 159 -15.61 -7.76 -16.78
N GLY A 164 -16.13 -3.14 -19.70
CA GLY A 164 -15.72 -3.72 -18.42
C GLY A 164 -14.68 -2.88 -17.68
N TYR A 165 -14.86 -2.70 -16.39
CA TYR A 165 -13.95 -1.88 -15.60
C TYR A 165 -13.14 -2.83 -14.71
N SER A 166 -11.97 -2.37 -14.27
CA SER A 166 -11.16 -3.17 -13.29
C SER A 166 -11.57 -2.85 -11.82
N ALA A 167 -11.18 -3.71 -10.87
CA ALA A 167 -11.41 -3.39 -9.43
C ALA A 167 -10.73 -2.04 -9.12
N GLY A 168 -9.52 -1.80 -9.63
CA GLY A 168 -8.76 -0.53 -9.30
C GLY A 168 -9.52 0.68 -9.84
N GLU A 169 -10.11 0.52 -11.03
CA GLU A 169 -11.00 1.60 -11.53
C GLU A 169 -12.26 1.76 -10.68
N ARG A 170 -12.85 0.64 -10.27
CA ARG A 170 -14.11 0.75 -9.53
C ARG A 170 -13.88 1.42 -8.21
N ILE A 171 -12.80 1.04 -7.50
CA ILE A 171 -12.61 1.67 -6.14
C ILE A 171 -12.43 3.20 -6.24
N VAL A 172 -11.59 3.65 -7.19
CA VAL A 172 -11.38 5.08 -7.36
C VAL A 172 -12.68 5.81 -7.75
N ASP A 173 -13.49 5.19 -8.62
CA ASP A 173 -14.81 5.79 -9.05
CA ASP A 173 -14.76 5.83 -9.04
C ASP A 173 -15.76 5.88 -7.84
N ILE A 174 -15.82 4.83 -7.07
CA ILE A 174 -16.72 4.81 -5.93
C ILE A 174 -16.34 5.89 -4.91
N ILE A 175 -15.04 5.97 -4.56
CA ILE A 175 -14.65 6.93 -3.55
C ILE A 175 -14.76 8.32 -4.09
N ALA A 176 -14.36 8.55 -5.35
CA ALA A 176 -14.47 9.91 -5.92
C ALA A 176 -15.91 10.41 -5.91
N THR A 177 -16.84 9.53 -6.27
CA THR A 177 -18.26 9.85 -6.30
C THR A 177 -18.71 10.27 -4.90
N ASP A 178 -18.33 9.49 -3.89
CA ASP A 178 -18.57 9.81 -2.52
C ASP A 178 -17.97 11.18 -2.06
N ILE A 179 -16.73 11.46 -2.43
CA ILE A 179 -16.10 12.75 -2.06
C ILE A 179 -16.86 13.95 -2.63
N GLN A 180 -17.32 13.83 -3.88
CA GLN A 180 -18.05 14.90 -4.60
C GLN A 180 -19.44 15.15 -4.01
N SER B 28 -0.29 14.08 -16.14
N SER B 28 -0.05 12.92 -15.91
CA SER B 28 -0.78 14.21 -14.72
CA SER B 28 -0.01 13.40 -14.46
C SER B 28 -0.93 12.87 -13.93
C SER B 28 -1.00 12.67 -13.52
N PRO B 29 -2.08 12.13 -14.07
CA PRO B 29 -2.59 11.16 -13.08
C PRO B 29 -1.67 9.99 -12.75
N GLY B 30 -0.80 9.60 -13.67
CA GLY B 30 0.00 8.35 -13.57
C GLY B 30 1.46 8.60 -13.12
N ILE B 31 1.83 9.86 -12.80
N ILE B 31 1.79 9.83 -12.73
CA ILE B 31 3.28 10.20 -12.57
CA ILE B 31 3.20 10.16 -12.51
C ILE B 31 3.64 10.21 -11.07
C ILE B 31 3.61 10.18 -11.03
N TRP B 32 4.65 9.43 -10.70
CA TRP B 32 5.09 9.33 -9.37
C TRP B 32 6.60 9.60 -9.30
N GLN B 33 7.07 9.98 -8.10
CA GLN B 33 8.50 10.31 -7.83
CA GLN B 33 8.49 10.26 -7.88
C GLN B 33 8.95 9.53 -6.64
N LEU B 34 10.05 8.83 -6.76
CA LEU B 34 10.59 8.16 -5.60
C LEU B 34 11.43 9.11 -4.82
N ASP B 35 11.59 8.79 -3.57
CA ASP B 35 12.39 9.68 -2.67
C ASP B 35 12.92 8.85 -1.55
N CYS B 36 14.17 9.07 -1.12
CA CYS B 36 14.71 8.11 -0.15
C CYS B 36 15.28 9.04 0.92
N THR B 37 14.92 8.82 2.16
CA THR B 37 15.44 9.66 3.25
C THR B 37 15.90 8.77 4.42
N HIS B 38 16.69 9.26 5.37
CA HIS B 38 17.25 8.38 6.41
C HIS B 38 16.85 8.85 7.80
N LEU B 39 16.69 7.89 8.70
CA LEU B 39 16.36 8.20 10.06
C LEU B 39 16.71 6.99 10.88
N GLU B 40 17.34 7.26 12.01
CA GLU B 40 17.66 6.21 12.99
C GLU B 40 18.50 5.12 12.39
N GLY B 41 19.38 5.49 11.44
CA GLY B 41 20.24 4.50 10.81
C GLY B 41 19.46 3.63 9.84
N LYS B 42 18.21 3.99 9.55
CA LYS B 42 17.43 3.20 8.57
C LYS B 42 17.03 4.10 7.41
N VAL B 43 16.45 3.47 6.40
CA VAL B 43 16.09 4.13 5.17
C VAL B 43 14.58 4.15 5.04
N ILE B 44 14.07 5.33 4.72
CA ILE B 44 12.62 5.38 4.50
C ILE B 44 12.45 5.64 3.01
N LEU B 45 11.82 4.72 2.31
CA LEU B 45 11.67 4.92 0.88
C LEU B 45 10.26 5.44 0.69
N VAL B 46 10.07 6.50 -0.11
CA VAL B 46 8.79 7.16 -0.30
C VAL B 46 8.48 7.23 -1.77
N ALA B 47 7.21 7.00 -2.12
CA ALA B 47 6.74 7.31 -3.47
C ALA B 47 5.76 8.44 -3.35
N VAL B 48 6.00 9.52 -4.10
CA VAL B 48 5.06 10.67 -4.08
C VAL B 48 4.30 10.74 -5.41
N HIS B 49 2.98 10.82 -5.33
CA HIS B 49 2.16 11.08 -6.48
C HIS B 49 2.21 12.58 -6.73
N VAL B 50 2.86 12.93 -7.81
CA VAL B 50 3.35 14.32 -7.99
C VAL B 50 2.21 15.33 -8.02
N ALA B 51 1.13 15.00 -8.70
CA ALA B 51 0.04 15.99 -8.90
C ALA B 51 -0.75 16.20 -7.60
N SER B 52 -0.78 15.21 -6.70
CA SER B 52 -1.60 15.34 -5.45
C SER B 52 -0.79 15.53 -4.19
N GLY B 53 0.48 15.14 -4.18
CA GLY B 53 1.26 15.10 -2.91
C GLY B 53 0.95 13.84 -2.04
N TYR B 54 0.12 12.95 -2.56
CA TYR B 54 -0.15 11.75 -1.74
C TYR B 54 1.09 10.90 -1.72
N ILE B 55 1.34 10.17 -0.63
CA ILE B 55 2.50 9.30 -0.52
C ILE B 55 2.25 7.89 -0.05
N GLU B 56 3.17 6.99 -0.43
CA GLU B 56 3.27 5.68 0.30
C GLU B 56 4.68 5.60 0.78
N ALA B 57 4.96 4.81 1.82
CA ALA B 57 6.35 4.79 2.23
C ALA B 57 6.57 3.45 2.90
N GLU B 58 7.85 3.06 3.01
CA GLU B 58 8.22 1.89 3.80
CA GLU B 58 8.23 1.88 3.75
C GLU B 58 9.57 2.12 4.44
N VAL B 59 9.82 1.43 5.55
CA VAL B 59 11.16 1.39 6.10
C VAL B 59 11.91 0.14 5.65
N ILE B 60 13.16 0.29 5.18
CA ILE B 60 14.07 -0.86 4.76
C ILE B 60 15.44 -0.63 5.43
N PRO B 61 16.22 -1.71 5.63
CA PRO B 61 17.52 -1.53 6.29
C PRO B 61 18.47 -0.76 5.40
N ALA B 62 18.33 -0.91 4.06
CA ALA B 62 19.22 -0.20 3.13
C ALA B 62 18.51 -0.12 1.82
N GLU B 63 18.78 0.92 1.03
CA GLU B 63 18.19 1.00 -0.31
C GLU B 63 18.95 0.10 -1.28
N THR B 64 18.36 -0.98 -1.76
CA THR B 64 18.98 -1.83 -2.76
C THR B 64 17.99 -1.83 -3.94
N GLY B 65 18.45 -2.28 -5.13
CA GLY B 65 17.60 -2.37 -6.29
C GLY B 65 16.50 -3.41 -5.96
N GLN B 66 16.82 -4.49 -5.28
CA GLN B 66 15.77 -5.48 -4.93
C GLN B 66 14.65 -4.84 -4.07
N GLU B 67 15.01 -4.06 -3.06
CA GLU B 67 13.97 -3.47 -2.17
C GLU B 67 13.21 -2.48 -2.96
N THR B 68 13.94 -1.69 -3.78
CA THR B 68 13.23 -0.64 -4.59
C THR B 68 12.22 -1.28 -5.55
N ALA B 69 12.63 -2.35 -6.20
CA ALA B 69 11.81 -3.06 -7.22
C ALA B 69 10.54 -3.60 -6.53
N TYR B 70 10.68 -4.16 -5.34
CA TYR B 70 9.54 -4.79 -4.67
C TYR B 70 8.57 -3.66 -4.27
N PHE B 71 9.14 -2.56 -3.74
CA PHE B 71 8.30 -1.42 -3.38
C PHE B 71 7.49 -0.92 -4.63
N LEU B 72 8.10 -0.82 -5.81
CA LEU B 72 7.42 -0.32 -6.96
C LEU B 72 6.30 -1.32 -7.43
N LEU B 73 6.58 -2.63 -7.26
CA LEU B 73 5.63 -3.68 -7.67
C LEU B 73 4.38 -3.50 -6.75
N LYS B 74 4.62 -3.29 -5.47
CA LYS B 74 3.52 -3.03 -4.53
CA LYS B 74 3.51 -3.03 -4.51
C LYS B 74 2.74 -1.79 -4.93
N LEU B 75 3.46 -0.71 -5.22
CA LEU B 75 2.77 0.54 -5.56
C LEU B 75 1.91 0.37 -6.80
N ALA B 76 2.48 -0.23 -7.84
CA ALA B 76 1.78 -0.37 -9.11
C ALA B 76 0.55 -1.33 -9.09
N GLY B 77 0.51 -2.28 -8.13
CA GLY B 77 -0.67 -3.16 -7.95
C GLY B 77 -1.78 -2.36 -7.29
N ARG B 78 -1.42 -1.22 -6.60
CA ARG B 78 -2.39 -0.45 -5.85
C ARG B 78 -2.93 0.82 -6.56
N TRP B 79 -2.09 1.54 -7.33
CA TRP B 79 -2.52 2.70 -8.10
C TRP B 79 -2.04 2.53 -9.51
N PRO B 80 -2.66 3.24 -10.48
CA PRO B 80 -2.28 3.17 -11.91
C PRO B 80 -1.02 3.99 -12.20
N VAL B 81 0.11 3.40 -11.93
CA VAL B 81 1.44 4.00 -12.07
C VAL B 81 1.88 3.95 -13.59
N LYS B 82 1.92 5.11 -14.25
CA LYS B 82 2.35 5.11 -15.66
C LYS B 82 3.86 5.37 -15.71
N THR B 83 4.34 6.30 -14.87
CA THR B 83 5.76 6.68 -14.91
C THR B 83 6.32 6.84 -13.49
N VAL B 84 7.52 6.36 -13.25
CA VAL B 84 8.20 6.63 -11.97
CA VAL B 84 8.18 6.69 -11.95
C VAL B 84 9.51 7.35 -12.28
N HIS B 85 9.68 8.51 -11.68
CA HIS B 85 10.99 9.19 -11.66
C HIS B 85 11.77 8.64 -10.48
N THR B 86 12.88 7.98 -10.80
CA THR B 86 13.65 7.28 -9.77
CA THR B 86 13.59 7.31 -9.79
C THR B 86 14.35 8.34 -8.93
N ASP B 87 14.71 7.95 -7.70
CA ASP B 87 15.31 8.89 -6.71
C ASP B 87 16.79 9.09 -6.89
N ASN B 88 17.50 8.22 -7.61
CA ASN B 88 18.94 8.44 -7.83
C ASN B 88 19.34 7.56 -9.01
N GLY B 89 20.60 7.66 -9.36
CA GLY B 89 21.09 7.06 -10.59
C GLY B 89 21.28 5.58 -10.36
N SER B 90 21.48 5.12 -9.14
CA SER B 90 21.71 3.66 -8.88
C SER B 90 20.36 2.91 -9.13
N ASN B 91 19.27 3.45 -8.61
CA ASN B 91 17.90 2.87 -8.93
C ASN B 91 17.52 3.06 -10.38
N PHE B 92 17.98 4.14 -11.01
CA PHE B 92 17.71 4.24 -12.45
C PHE B 92 18.46 3.13 -13.23
N THR B 93 19.69 2.88 -12.82
CA THR B 93 20.55 1.94 -13.56
C THR B 93 20.17 0.48 -13.29
N SER B 94 19.77 0.22 -12.05
CA SER B 94 19.53 -1.14 -11.52
C SER B 94 18.67 -2.00 -12.49
N THR B 95 19.23 -3.14 -12.90
CA THR B 95 18.47 -3.97 -13.82
C THR B 95 17.24 -4.60 -13.05
N THR B 96 17.42 -4.83 -11.76
CA THR B 96 16.30 -5.35 -10.97
C THR B 96 15.13 -4.34 -10.91
N VAL B 97 15.45 -3.07 -10.70
CA VAL B 97 14.40 -2.05 -10.77
C VAL B 97 13.82 -2.00 -12.19
N LYS B 98 14.63 -2.04 -13.23
CA LYS B 98 14.03 -1.99 -14.55
C LYS B 98 13.13 -3.21 -14.83
N ALA B 99 13.55 -4.35 -14.32
CA ALA B 99 12.77 -5.60 -14.48
C ALA B 99 11.42 -5.42 -13.77
N ALA B 100 11.35 -4.79 -12.58
CA ALA B 100 10.01 -4.56 -11.97
C ALA B 100 9.20 -3.58 -12.73
N CYS B 101 9.83 -2.52 -13.29
CA CYS B 101 9.09 -1.49 -14.06
C CYS B 101 8.54 -2.18 -15.36
N TRP B 102 9.35 -3.05 -15.95
CA TRP B 102 8.87 -3.84 -17.11
C TRP B 102 7.65 -4.67 -16.64
N TRP B 103 7.82 -5.46 -15.58
CA TRP B 103 6.74 -6.34 -15.14
C TRP B 103 5.47 -5.59 -14.92
N ALA B 104 5.58 -4.47 -14.18
CA ALA B 104 4.36 -3.74 -13.79
C ALA B 104 3.87 -2.73 -14.81
N GLY B 105 4.51 -2.65 -15.98
CA GLY B 105 4.06 -1.71 -17.05
C GLY B 105 4.41 -0.25 -16.73
N ILE B 106 5.50 -0.05 -16.01
CA ILE B 106 5.85 1.33 -15.57
C ILE B 106 6.97 1.85 -16.47
N LYS B 107 6.85 3.09 -16.92
CA LYS B 107 7.95 3.78 -17.61
CA LYS B 107 7.96 3.76 -17.62
C LYS B 107 8.95 4.29 -16.57
N GLN B 108 10.17 3.77 -16.56
CA GLN B 108 11.14 4.22 -15.55
C GLN B 108 11.89 5.43 -16.10
N GLU B 109 11.92 6.55 -15.37
CA GLU B 109 12.55 7.75 -15.86
C GLU B 109 13.55 8.22 -14.81
N ASP B 110 14.40 9.17 -15.19
CA ASP B 110 15.36 9.74 -14.22
C ASP B 110 14.57 10.76 -13.35
N GLY B 111 15.17 11.31 -12.29
CA GLY B 111 14.52 12.30 -11.43
C GLY B 111 15.26 13.63 -11.47
N ILE B 112 15.91 13.87 -12.58
CA ILE B 112 16.63 15.19 -12.76
C ILE B 112 15.60 16.34 -12.55
N PRO B 113 15.88 17.29 -11.62
CA PRO B 113 14.89 18.35 -11.34
C PRO B 113 14.95 19.47 -12.43
N TYR B 114 14.49 19.19 -13.63
CA TYR B 114 14.53 20.19 -14.71
C TYR B 114 13.72 21.41 -14.26
N ASN B 115 12.65 21.16 -13.49
CA ASN B 115 12.00 22.24 -12.72
C ASN B 115 12.60 22.27 -11.31
N PRO B 116 13.36 23.34 -10.99
CA PRO B 116 14.17 23.31 -9.80
C PRO B 116 13.23 23.32 -8.58
N GLN B 117 11.96 23.74 -8.79
CA GLN B 117 10.92 23.61 -7.70
C GLN B 117 10.77 22.19 -7.09
N SER B 118 10.88 21.15 -7.92
CA SER B 118 10.85 19.74 -7.47
C SER B 118 11.80 19.46 -6.33
N GLN B 119 13.02 19.95 -6.47
CA GLN B 119 14.00 19.74 -5.45
C GLN B 119 13.56 20.32 -4.07
N GLY B 120 13.00 21.54 -4.04
CA GLY B 120 12.57 22.11 -2.75
C GLY B 120 11.31 21.41 -2.23
N VAL B 121 10.46 20.92 -3.12
CA VAL B 121 9.22 20.25 -2.69
C VAL B 121 9.57 18.93 -1.95
N ILE B 122 10.50 18.14 -2.49
N ILE B 122 10.50 18.12 -2.48
CA ILE B 122 10.93 16.88 -1.85
CA ILE B 122 10.84 16.86 -1.81
C ILE B 122 11.59 17.12 -0.50
C ILE B 122 11.60 17.11 -0.48
N GLU B 123 12.50 18.10 -0.46
CA GLU B 123 13.22 18.44 0.79
C GLU B 123 12.20 18.82 1.83
N SER B 124 11.21 19.62 1.44
N SER B 124 11.23 19.61 1.39
CA SER B 124 10.21 20.09 2.38
CA SER B 124 10.17 20.11 2.24
C SER B 124 9.29 18.94 2.79
C SER B 124 9.36 18.94 2.77
N MET B 125 8.99 18.03 1.88
CA MET B 125 8.23 16.84 2.33
C MET B 125 9.05 15.99 3.33
N ASN B 126 10.34 15.79 3.05
CA ASN B 126 11.10 14.98 3.97
C ASN B 126 11.11 15.59 5.37
N LYS B 127 11.24 16.92 5.42
CA LYS B 127 11.28 17.60 6.73
CA LYS B 127 11.25 17.63 6.71
C LYS B 127 9.92 17.48 7.43
N GLU B 128 8.82 17.65 6.68
CA GLU B 128 7.45 17.44 7.23
C GLU B 128 7.34 16.01 7.76
N LEU B 129 7.74 15.03 6.96
N LEU B 129 7.76 15.03 6.96
CA LEU B 129 7.58 13.63 7.41
CA LEU B 129 7.60 13.63 7.38
C LEU B 129 8.38 13.34 8.70
C LEU B 129 8.37 13.35 8.67
N LYS B 130 9.63 13.81 8.70
CA LYS B 130 10.46 13.61 9.90
C LYS B 130 9.87 14.33 11.10
N LYS B 131 9.29 15.48 10.86
CA LYS B 131 8.64 16.20 11.99
C LYS B 131 7.48 15.33 12.54
N ILE B 132 6.65 14.79 11.65
CA ILE B 132 5.52 13.96 12.10
C ILE B 132 5.99 12.77 12.82
N ILE B 133 6.98 12.06 12.24
CA ILE B 133 7.53 10.94 12.86
C ILE B 133 7.96 11.25 14.32
N GLY B 134 8.65 12.41 14.53
CA GLY B 134 9.04 12.77 15.94
C GLY B 134 7.81 13.03 16.79
N GLN B 135 6.75 13.59 16.21
CA GLN B 135 5.54 13.80 16.99
C GLN B 135 4.85 12.46 17.40
N VAL B 136 5.06 11.36 16.66
CA VAL B 136 4.34 10.12 17.02
C VAL B 136 5.30 9.15 17.58
N ARG B 137 6.59 9.53 17.57
CA ARG B 137 7.62 8.51 17.70
C ARG B 137 7.51 7.71 18.97
N ASP B 138 7.11 8.35 20.06
CA ASP B 138 6.99 7.66 21.34
C ASP B 138 5.68 6.80 21.48
N GLN B 139 4.77 6.87 20.51
CA GLN B 139 3.56 6.03 20.58
C GLN B 139 3.90 4.70 19.96
N ALA B 140 5.05 4.58 19.31
CA ALA B 140 5.39 3.30 18.54
C ALA B 140 6.68 2.71 19.06
N GLU B 141 6.77 1.40 19.24
CA GLU B 141 8.07 0.78 19.52
C GLU B 141 8.97 0.85 18.28
N HIS B 142 8.43 0.49 17.12
CA HIS B 142 9.24 0.31 15.88
C HIS B 142 9.12 1.52 14.97
N LEU B 143 10.23 1.89 14.31
CA LEU B 143 10.19 2.97 13.37
C LEU B 143 9.14 2.70 12.29
N LYS B 144 8.93 1.44 11.87
CA LYS B 144 8.01 1.23 10.77
C LYS B 144 6.58 1.70 11.11
N THR B 145 6.17 1.46 12.37
CA THR B 145 4.83 1.95 12.76
C THR B 145 4.76 3.45 12.70
N ALA B 146 5.80 4.12 13.26
CA ALA B 146 5.82 5.56 13.26
C ALA B 146 5.75 6.14 11.83
N VAL B 147 6.45 5.46 10.90
CA VAL B 147 6.39 5.96 9.48
C VAL B 147 4.99 5.76 8.88
N GLN B 148 4.31 4.65 9.21
CA GLN B 148 2.99 4.45 8.65
C GLN B 148 2.02 5.44 9.31
N MET B 149 2.23 5.80 10.60
CA MET B 149 1.37 6.84 11.20
C MET B 149 1.63 8.14 10.49
N ALA B 150 2.91 8.40 10.14
CA ALA B 150 3.21 9.64 9.42
C ALA B 150 2.61 9.69 8.00
N VAL B 151 2.62 8.57 7.29
CA VAL B 151 1.94 8.49 6.01
C VAL B 151 0.45 8.85 6.19
N PHE B 152 -0.16 8.26 7.21
CA PHE B 152 -1.61 8.40 7.42
C PHE B 152 -1.88 9.93 7.66
N ILE B 153 -1.10 10.54 8.52
CA ILE B 153 -1.39 11.96 8.88
C ILE B 153 -1.13 12.82 7.65
N HIS B 154 -0.03 12.54 6.96
CA HIS B 154 0.29 13.31 5.74
C HIS B 154 -0.86 13.28 4.70
N ASN B 155 -1.33 12.06 4.40
CA ASN B 155 -2.36 11.86 3.37
C ASN B 155 -3.75 12.37 3.78
N HIS B 156 -4.02 12.42 5.09
CA HIS B 156 -5.34 12.91 5.52
C HIS B 156 -5.32 14.43 5.79
N LYS B 157 -4.15 15.06 5.90
CA LYS B 157 -4.11 16.50 6.25
C LYS B 157 -4.82 17.42 5.22
N ARG B 158 -5.75 18.25 5.68
CA ARG B 158 -6.37 19.17 4.74
C ARG B 158 -5.53 20.46 4.56
N LYS B 159 -5.20 20.83 3.34
CA LYS B 159 -4.36 22.07 3.20
C LYS B 159 -5.12 23.24 2.57
N GLY B 164 -10.79 23.06 1.50
CA GLY B 164 -9.50 22.38 1.76
C GLY B 164 -9.53 20.86 1.57
N TYR B 165 -8.81 20.34 0.59
CA TYR B 165 -8.86 18.89 0.29
C TYR B 165 -7.58 18.24 0.84
N SER B 166 -7.64 16.94 1.17
CA SER B 166 -6.41 16.22 1.53
C SER B 166 -5.72 15.65 0.28
N ALA B 167 -4.45 15.26 0.46
CA ALA B 167 -3.74 14.55 -0.66
C ALA B 167 -4.51 13.29 -1.04
N GLY B 168 -5.08 12.55 -0.07
CA GLY B 168 -5.79 11.30 -0.38
C GLY B 168 -7.06 11.59 -1.18
N GLU B 169 -7.70 12.76 -0.90
CA GLU B 169 -8.87 13.12 -1.70
C GLU B 169 -8.41 13.57 -3.08
N ARG B 170 -7.27 14.26 -3.15
CA ARG B 170 -6.86 14.80 -4.44
C ARG B 170 -6.47 13.67 -5.36
N ILE B 171 -5.76 12.67 -4.84
CA ILE B 171 -5.28 11.59 -5.81
C ILE B 171 -6.49 10.85 -6.39
N VAL B 172 -7.48 10.52 -5.55
CA VAL B 172 -8.70 9.84 -6.03
C VAL B 172 -9.48 10.69 -7.07
N ASP B 173 -9.62 11.99 -6.78
CA ASP B 173 -10.29 12.94 -7.74
CA ASP B 173 -10.30 12.90 -7.72
C ASP B 173 -9.53 13.01 -9.08
N ILE B 174 -8.20 13.09 -9.00
CA ILE B 174 -7.43 13.22 -10.24
C ILE B 174 -7.57 11.96 -11.08
N ILE B 175 -7.44 10.79 -10.45
CA ILE B 175 -7.48 9.56 -11.21
C ILE B 175 -8.90 9.30 -11.70
N ALA B 176 -9.89 9.63 -10.86
CA ALA B 176 -11.29 9.34 -11.26
C ALA B 176 -11.63 10.18 -12.49
N THR B 177 -11.13 11.40 -12.49
CA THR B 177 -11.39 12.39 -13.53
C THR B 177 -10.78 11.87 -14.83
N ASP B 178 -9.59 11.29 -14.73
CA ASP B 178 -8.93 10.71 -15.86
C ASP B 178 -9.63 9.44 -16.38
N ILE B 179 -10.18 8.60 -15.51
CA ILE B 179 -10.86 7.39 -15.94
C ILE B 179 -12.11 7.73 -16.73
N GLN B 180 -12.82 8.76 -16.30
CA GLN B 180 -14.10 9.16 -16.90
C GLN B 180 -13.96 9.79 -18.31
N ALA C 1 19.44 -15.51 -9.85
CA ALA C 1 18.77 -16.81 -9.73
C ALA C 1 17.71 -17.03 -10.84
N THR C 2 17.77 -16.22 -11.90
CA THR C 2 16.72 -16.15 -12.98
C THR C 2 15.28 -15.87 -12.53
N LYS C 3 15.11 -14.95 -11.58
CA LYS C 3 13.79 -14.62 -11.06
C LYS C 3 13.65 -13.11 -11.12
N ILE C 4 12.42 -12.59 -11.26
N ILE C 4 12.43 -12.59 -11.25
CA ILE C 4 12.22 -11.11 -11.32
CA ILE C 4 12.21 -11.12 -11.33
C ILE C 4 12.82 -10.40 -10.08
C ILE C 4 12.77 -10.39 -10.08
N ASP C 5 12.71 -11.09 -8.93
CA ASP C 5 13.17 -10.53 -7.65
C ASP C 5 14.57 -11.06 -7.31
N ASN C 6 15.17 -11.86 -8.21
CA ASN C 6 16.58 -12.24 -8.04
C ASN C 6 17.10 -12.60 -9.42
N LEU C 7 17.61 -11.56 -10.09
CA LEU C 7 17.98 -11.74 -11.49
C LEU C 7 19.11 -12.80 -11.63
N ASP C 8 19.99 -12.86 -10.63
CA ASP C 8 21.08 -13.87 -10.52
C ASP C 8 20.59 -15.32 -10.50
N ALA D 1 4.52 -2.74 26.24
CA ALA D 1 5.50 -1.65 26.46
C ALA D 1 4.89 -0.25 26.39
N THR D 2 3.55 -0.19 26.48
CA THR D 2 2.74 1.06 26.36
C THR D 2 2.91 1.74 25.01
N LYS D 3 3.03 0.92 23.97
CA LYS D 3 3.13 1.43 22.60
C LYS D 3 1.98 0.84 21.83
N ILE D 4 1.49 1.57 20.82
N ILE D 4 1.48 1.57 20.83
CA ILE D 4 0.35 1.10 19.98
CA ILE D 4 0.34 1.10 20.01
C ILE D 4 0.66 -0.28 19.39
C ILE D 4 0.66 -0.27 19.37
N ASP D 5 1.94 -0.47 19.02
CA ASP D 5 2.38 -1.70 18.30
C ASP D 5 2.97 -2.73 19.28
N ASN D 6 3.04 -2.35 20.55
CA ASN D 6 3.43 -3.29 21.63
C ASN D 6 2.75 -2.79 22.91
N LEU D 7 1.51 -3.24 23.07
CA LEU D 7 0.68 -2.71 24.16
C LEU D 7 1.35 -3.00 25.51
N ASP D 8 2.05 -4.14 25.61
CA ASP D 8 2.92 -4.50 26.77
C ASP D 8 3.91 -3.41 27.22
S SO4 E . -7.11 -21.49 3.48
O1 SO4 E . -7.88 -22.72 3.46
O2 SO4 E . -5.75 -21.57 3.04
O3 SO4 E . -7.95 -20.53 2.72
O4 SO4 E . -6.78 -21.12 4.87
S SO4 F . 10.06 -17.14 0.54
O1 SO4 F . 9.03 -17.66 -0.32
O2 SO4 F . 9.96 -18.06 1.66
O3 SO4 F . 11.37 -17.27 -0.06
O4 SO4 F . 9.84 -15.75 1.03
S SO4 G . -3.35 -8.91 21.49
O1 SO4 G . -4.40 -8.90 22.46
O2 SO4 G . -3.36 -7.49 21.54
O3 SO4 G . -2.18 -9.54 22.01
O4 SO4 G . -3.48 -9.36 20.07
S SO4 H . 0.19 -2.89 2.17
O1 SO4 H . -0.34 -3.23 3.47
O2 SO4 H . 0.03 -1.45 1.86
O3 SO4 H . 1.62 -3.24 2.11
O4 SO4 H . -0.61 -3.76 1.27
CL CL I . -1.44 -18.36 11.68
C ACY J . -4.57 -0.49 -10.05
O ACY J . -5.34 -1.05 -9.19
OXT ACY J . -4.81 0.47 -10.81
CH3 ACY J . -3.18 -0.98 -10.13
C ACY K . -6.34 8.54 2.83
O ACY K . -7.56 8.75 2.67
OXT ACY K . -5.37 9.07 2.20
CH3 ACY K . -6.02 7.46 3.78
S SO4 L . 18.35 12.47 4.20
O1 SO4 L . 18.18 11.87 5.47
O2 SO4 L . 18.81 11.30 3.43
O3 SO4 L . 17.09 13.05 3.72
O4 SO4 L . 19.32 13.57 4.15
S SO4 M . 12.89 -0.61 15.08
O1 SO4 M . 12.40 -1.26 16.28
O2 SO4 M . 12.21 -1.16 13.89
O3 SO4 M . 12.75 0.83 15.11
O4 SO4 M . 14.32 -0.82 14.98
S SO4 N . 20.67 -4.70 -9.46
O1 SO4 N . 20.20 -3.59 -8.62
O2 SO4 N . 21.52 -4.50 -10.60
O3 SO4 N . 21.09 -5.63 -8.43
O4 SO4 N . 19.62 -5.23 -10.30
S SO4 O . 3.43 -0.15 0.35
O1 SO4 O . 3.49 1.30 0.60
O2 SO4 O . 4.64 -0.35 -0.44
O3 SO4 O . 3.54 -0.92 1.59
O4 SO4 O . 2.20 -0.58 -0.36
CL CL P . 21.31 2.82 1.82
#